data_9GVA
#
_entry.id   9GVA
#
_cell.length_a   120.752
_cell.length_b   120.752
_cell.length_c   91.310
_cell.angle_alpha   90.000
_cell.angle_beta   90.000
_cell.angle_gamma   120.000
#
_symmetry.space_group_name_H-M   'P 65'
#
loop_
_entity.id
_entity.type
_entity.pdbx_description
1 polymer 'Hexapeptide transferase family protein'
2 non-polymer 'ZINC ION'
3 water water
#
_entity_poly.entity_id   1
_entity_poly.type   'polypeptide(L)'
_entity_poly.pdbx_seq_one_letter_code
;MAQRENSDYLTTKMALIQSVRGFTPIIGEDTFLAENATIVGDVVMGKGCSVWFNAVLRGDVNSIRIGDNVNIQDGSILHT
LYQKSTIEIGDNVSVGHNVVIHGAKICDYALIGMGAVVLDHVVVGEGAIVAAGSVVLTGTQIEPNSIYAGAPARFIKKVD
PEQSREMNFRIAHNYRMYASWFKDESSEIDNP
;
_entity_poly.pdbx_strand_id   AAA,BBB,CCC
#
# COMPACT_ATOMS: atom_id res chain seq x y z
N LYS A 13 -16.66 -14.55 -7.19
CA LYS A 13 -17.12 -14.81 -8.60
C LYS A 13 -16.38 -13.87 -9.56
N MET A 14 -16.65 -12.55 -9.52
CA MET A 14 -16.17 -11.61 -10.57
C MET A 14 -15.79 -10.22 -9.99
N ALA A 15 -14.97 -9.47 -10.74
CA ALA A 15 -14.56 -8.08 -10.41
C ALA A 15 -15.80 -7.24 -10.07
N LEU A 16 -15.68 -6.36 -9.08
CA LEU A 16 -16.69 -5.34 -8.75
C LEU A 16 -16.66 -4.27 -9.84
N ILE A 17 -17.71 -4.21 -10.65
CA ILE A 17 -17.88 -3.19 -11.72
C ILE A 17 -19.13 -2.40 -11.39
N GLN A 18 -19.10 -1.09 -11.52
CA GLN A 18 -20.15 -0.27 -10.90
C GLN A 18 -20.28 1.06 -11.63
N SER A 19 -21.52 1.48 -11.79
CA SER A 19 -21.88 2.78 -12.38
C SER A 19 -21.79 3.81 -11.28
N VAL A 20 -21.54 5.06 -11.65
CA VAL A 20 -21.66 6.23 -10.73
C VAL A 20 -21.96 7.46 -11.59
N ARG A 21 -22.95 8.26 -11.16
CA ARG A 21 -23.47 9.45 -11.88
C ARG A 21 -23.77 9.02 -13.33
N GLY A 22 -24.25 7.80 -13.54
CA GLY A 22 -24.62 7.27 -14.87
C GLY A 22 -23.46 6.81 -15.75
N PHE A 23 -22.20 6.92 -15.32
CA PHE A 23 -21.05 6.41 -16.11
C PHE A 23 -20.79 4.97 -15.71
N THR A 24 -20.61 4.11 -16.72
CA THR A 24 -20.40 2.66 -16.57
C THR A 24 -19.06 2.35 -17.21
N PRO A 25 -18.15 1.60 -16.54
CA PRO A 25 -16.87 1.25 -17.15
C PRO A 25 -17.03 0.55 -18.51
N ILE A 26 -16.17 0.88 -19.47
CA ILE A 26 -16.06 0.22 -20.80
C ILE A 26 -14.72 -0.48 -20.84
N ILE A 27 -14.72 -1.82 -20.89
CA ILE A 27 -13.52 -2.70 -20.91
C ILE A 27 -13.37 -3.31 -22.29
N GLY A 28 -12.22 -3.23 -22.95
CA GLY A 28 -12.04 -3.85 -24.29
C GLY A 28 -11.98 -5.36 -24.22
N GLU A 29 -11.83 -6.02 -25.37
CA GLU A 29 -11.74 -7.51 -25.52
C GLU A 29 -10.37 -8.00 -25.02
N ASP A 30 -10.30 -9.27 -24.64
CA ASP A 30 -9.10 -9.96 -24.09
C ASP A 30 -8.58 -9.21 -22.87
N THR A 31 -9.43 -8.55 -22.09
CA THR A 31 -8.93 -7.86 -20.88
C THR A 31 -9.16 -8.85 -19.74
N PHE A 32 -8.12 -9.19 -18.99
CA PHE A 32 -8.25 -9.93 -17.72
C PHE A 32 -8.55 -8.95 -16.55
N LEU A 33 -9.61 -9.22 -15.80
CA LEU A 33 -9.95 -8.54 -14.52
C LEU A 33 -9.89 -9.53 -13.37
N ALA A 34 -8.99 -9.38 -12.41
CA ALA A 34 -9.00 -10.25 -11.21
C ALA A 34 -10.39 -10.17 -10.53
N GLU A 35 -10.76 -11.26 -9.88
CA GLU A 35 -12.03 -11.49 -9.13
C GLU A 35 -12.30 -10.40 -8.11
N ASN A 36 -11.25 -9.81 -7.50
CA ASN A 36 -11.36 -8.84 -6.38
C ASN A 36 -10.79 -7.49 -6.85
N ALA A 37 -10.69 -7.27 -8.16
CA ALA A 37 -10.41 -5.94 -8.72
C ALA A 37 -11.66 -5.08 -8.63
N THR A 38 -11.50 -3.77 -8.67
CA THR A 38 -12.64 -2.83 -8.61
C THR A 38 -12.49 -1.85 -9.75
N ILE A 39 -13.50 -1.73 -10.58
CA ILE A 39 -13.58 -0.70 -11.66
C ILE A 39 -14.94 0.00 -11.55
N VAL A 40 -14.92 1.30 -11.52
CA VAL A 40 -16.07 2.08 -11.04
C VAL A 40 -16.15 3.40 -11.81
N GLY A 41 -17.32 3.67 -12.38
CA GLY A 41 -17.66 4.91 -13.11
C GLY A 41 -16.93 5.10 -14.43
N ASP A 42 -16.36 6.30 -14.61
CA ASP A 42 -15.90 6.88 -15.90
C ASP A 42 -14.51 6.35 -16.27
N VAL A 43 -14.47 5.07 -16.63
CA VAL A 43 -13.23 4.29 -16.95
C VAL A 43 -13.42 3.68 -18.33
N VAL A 44 -12.44 3.88 -19.22
CA VAL A 44 -12.32 3.12 -20.50
C VAL A 44 -10.97 2.43 -20.51
N MET A 45 -10.97 1.12 -20.71
CA MET A 45 -9.77 0.30 -20.96
C MET A 45 -9.83 -0.22 -22.39
N GLY A 46 -8.67 -0.36 -23.04
CA GLY A 46 -8.56 -0.98 -24.37
C GLY A 46 -8.46 -2.50 -24.26
N LYS A 47 -7.88 -3.11 -25.28
CA LYS A 47 -7.87 -4.56 -25.46
C LYS A 47 -6.58 -5.07 -24.85
N GLY A 48 -6.59 -6.29 -24.34
CA GLY A 48 -5.39 -7.00 -23.88
C GLY A 48 -4.85 -6.45 -22.56
N CYS A 49 -5.62 -5.67 -21.80
CA CYS A 49 -5.19 -5.18 -20.46
C CYS A 49 -5.31 -6.29 -19.43
N SER A 50 -4.53 -6.21 -18.35
CA SER A 50 -4.79 -6.99 -17.12
C SER A 50 -4.82 -6.10 -15.89
N VAL A 51 -5.78 -6.40 -15.03
CA VAL A 51 -6.05 -5.68 -13.77
C VAL A 51 -6.00 -6.74 -12.68
N TRP A 52 -5.00 -6.63 -11.85
CA TRP A 52 -4.62 -7.68 -10.89
C TRP A 52 -5.36 -7.49 -9.57
N PHE A 53 -5.04 -8.39 -8.65
CA PHE A 53 -5.77 -8.59 -7.37
C PHE A 53 -5.82 -7.26 -6.62
N ASN A 54 -7.02 -6.87 -6.21
CA ASN A 54 -7.29 -5.73 -5.29
C ASN A 54 -6.92 -4.40 -5.95
N ALA A 55 -6.64 -4.35 -7.25
CA ALA A 55 -6.43 -3.05 -7.91
C ALA A 55 -7.77 -2.31 -7.94
N VAL A 56 -7.72 -0.99 -7.86
CA VAL A 56 -8.90 -0.11 -7.83
C VAL A 56 -8.74 0.97 -8.91
N LEU A 57 -9.63 0.98 -9.90
CA LEU A 57 -9.76 2.03 -10.93
C LEU A 57 -11.03 2.81 -10.57
N ARG A 58 -10.85 3.91 -9.83
CA ARG A 58 -11.96 4.67 -9.25
C ARG A 58 -12.27 5.89 -10.13
N GLY A 59 -13.20 5.76 -11.07
CA GLY A 59 -13.59 6.86 -12.00
C GLY A 59 -14.82 7.62 -11.53
N ASP A 60 -14.91 7.97 -10.27
CA ASP A 60 -16.10 8.59 -9.66
C ASP A 60 -16.04 10.10 -9.90
N VAL A 61 -14.89 10.76 -9.72
CA VAL A 61 -14.83 12.26 -9.69
C VAL A 61 -14.29 12.82 -11.01
N ASN A 62 -13.74 12.00 -11.89
CA ASN A 62 -13.17 12.49 -13.17
C ASN A 62 -12.69 11.27 -13.95
N SER A 63 -12.24 11.45 -15.18
CA SER A 63 -12.25 10.30 -16.13
C SER A 63 -10.92 9.58 -16.05
N ILE A 64 -10.97 8.27 -16.32
CA ILE A 64 -9.78 7.40 -16.46
C ILE A 64 -9.82 6.79 -17.87
N ARG A 65 -8.80 7.01 -18.68
CA ARG A 65 -8.67 6.41 -20.03
C ARG A 65 -7.37 5.62 -20.07
N ILE A 66 -7.49 4.35 -20.38
CA ILE A 66 -6.37 3.37 -20.42
C ILE A 66 -6.36 2.76 -21.81
N GLY A 67 -5.20 2.65 -22.44
CA GLY A 67 -5.07 2.12 -23.80
C GLY A 67 -4.98 0.60 -23.77
N ASP A 68 -4.12 0.03 -24.63
CA ASP A 68 -4.11 -1.41 -24.99
C ASP A 68 -2.92 -2.06 -24.30
N ASN A 69 -3.06 -3.31 -23.85
CA ASN A 69 -1.90 -4.09 -23.34
C ASN A 69 -1.30 -3.40 -22.11
N VAL A 70 -2.14 -2.76 -21.30
CA VAL A 70 -1.75 -2.17 -20.00
C VAL A 70 -1.93 -3.22 -18.91
N ASN A 71 -0.90 -3.34 -18.07
CA ASN A 71 -0.84 -4.16 -16.84
C ASN A 71 -0.95 -3.25 -15.60
N ILE A 72 -2.07 -3.33 -14.87
CA ILE A 72 -2.33 -2.66 -13.56
C ILE A 72 -2.16 -3.72 -12.48
N GLN A 73 -1.08 -3.66 -11.70
CA GLN A 73 -0.68 -4.72 -10.78
C GLN A 73 -1.39 -4.62 -9.44
N ASP A 74 -1.19 -5.63 -8.61
CA ASP A 74 -2.01 -5.89 -7.40
C ASP A 74 -1.96 -4.66 -6.51
N GLY A 75 -3.10 -4.27 -5.98
CA GLY A 75 -3.24 -3.25 -4.92
C GLY A 75 -3.02 -1.83 -5.40
N SER A 76 -2.85 -1.62 -6.71
CA SER A 76 -2.71 -0.29 -7.33
C SER A 76 -4.04 0.46 -7.25
N ILE A 77 -3.96 1.76 -7.08
CA ILE A 77 -5.12 2.68 -6.98
C ILE A 77 -4.93 3.71 -8.06
N LEU A 78 -5.97 3.87 -8.89
CA LEU A 78 -6.06 4.91 -9.92
C LEU A 78 -7.21 5.83 -9.53
N HIS A 79 -6.87 7.10 -9.30
CA HIS A 79 -7.88 8.11 -8.93
C HIS A 79 -7.49 9.44 -9.54
N THR A 80 -8.36 10.43 -9.36
CA THR A 80 -8.28 11.79 -9.97
C THR A 80 -8.76 12.81 -8.95
N LEU A 81 -8.45 14.07 -9.15
CA LEU A 81 -9.10 15.19 -8.41
C LEU A 81 -10.38 15.64 -9.15
N TYR A 82 -11.52 15.68 -8.46
CA TYR A 82 -12.82 16.19 -8.96
C TYR A 82 -12.68 17.50 -9.76
N GLN A 83 -13.01 17.42 -11.05
CA GLN A 83 -12.98 18.57 -12.01
C GLN A 83 -11.61 19.25 -12.08
N LYS A 84 -10.51 18.61 -11.64
CA LYS A 84 -9.14 19.21 -11.73
C LYS A 84 -8.17 18.29 -12.49
N SER A 85 -8.28 16.97 -12.39
CA SER A 85 -7.23 16.10 -12.97
C SER A 85 -7.89 14.87 -13.56
N THR A 86 -7.26 14.28 -14.58
CA THR A 86 -7.69 13.05 -15.26
C THR A 86 -6.51 12.07 -15.37
N ILE A 87 -6.82 10.82 -15.69
CA ILE A 87 -5.81 9.78 -16.00
C ILE A 87 -5.94 9.43 -17.48
N GLU A 88 -4.82 9.54 -18.19
CA GLU A 88 -4.64 9.04 -19.56
C GLU A 88 -3.42 8.15 -19.50
N ILE A 89 -3.62 6.85 -19.65
CA ILE A 89 -2.49 5.89 -19.78
C ILE A 89 -2.49 5.41 -21.21
N GLY A 90 -1.37 5.49 -21.90
CA GLY A 90 -1.22 4.92 -23.26
C GLY A 90 -0.98 3.39 -23.28
N ASP A 91 -0.44 2.90 -24.40
CA ASP A 91 -0.39 1.45 -24.71
C ASP A 91 0.88 0.87 -24.09
N ASN A 92 0.80 -0.37 -23.63
CA ASN A 92 1.97 -1.17 -23.24
C ASN A 92 2.59 -0.59 -21.98
N VAL A 93 1.77 -0.01 -21.11
CA VAL A 93 2.25 0.57 -19.82
C VAL A 93 2.15 -0.51 -18.75
N SER A 94 3.08 -0.50 -17.81
CA SER A 94 3.08 -1.37 -16.62
C SER A 94 2.99 -0.50 -15.36
N VAL A 95 1.96 -0.70 -14.56
CA VAL A 95 1.77 0.02 -13.27
C VAL A 95 2.04 -1.01 -12.17
N GLY A 96 3.13 -0.86 -11.41
CA GLY A 96 3.61 -1.85 -10.44
C GLY A 96 2.68 -2.00 -9.24
N HIS A 97 2.97 -2.97 -8.40
CA HIS A 97 2.16 -3.37 -7.22
C HIS A 97 2.04 -2.17 -6.27
N ASN A 98 0.89 -2.01 -5.64
CA ASN A 98 0.67 -0.96 -4.59
C ASN A 98 1.13 0.43 -5.09
N VAL A 99 0.99 0.74 -6.38
CA VAL A 99 1.22 2.10 -6.93
C VAL A 99 -0.03 2.96 -6.73
N VAL A 100 0.12 4.24 -6.44
CA VAL A 100 -1.02 5.21 -6.58
C VAL A 100 -0.77 6.10 -7.78
N ILE A 101 -1.69 6.09 -8.75
CA ILE A 101 -1.68 7.04 -9.88
C ILE A 101 -2.85 8.00 -9.65
N HIS A 102 -2.54 9.26 -9.44
CA HIS A 102 -3.54 10.30 -9.14
C HIS A 102 -3.47 11.39 -10.23
N GLY A 103 -4.39 11.39 -11.18
CA GLY A 103 -4.58 12.47 -12.17
C GLY A 103 -3.35 12.65 -13.05
N ALA A 104 -2.64 11.58 -13.41
CA ALA A 104 -1.41 11.62 -14.22
C ALA A 104 -1.66 11.10 -15.64
N LYS A 105 -0.84 11.60 -16.56
CA LYS A 105 -0.76 11.12 -17.95
C LYS A 105 0.46 10.18 -18.02
N ILE A 106 0.27 8.93 -18.45
CA ILE A 106 1.43 8.01 -18.60
C ILE A 106 1.48 7.58 -20.07
N CYS A 107 2.55 7.94 -20.78
CA CYS A 107 2.73 7.64 -22.22
C CYS A 107 3.14 6.17 -22.44
N ASP A 108 2.93 5.71 -23.68
CA ASP A 108 3.27 4.37 -24.20
C ASP A 108 4.58 3.85 -23.61
N TYR A 109 4.57 2.61 -23.17
CA TYR A 109 5.75 1.81 -22.79
C TYR A 109 6.32 2.22 -21.45
N ALA A 110 5.74 3.20 -20.76
CA ALA A 110 6.34 3.65 -19.49
C ALA A 110 6.12 2.54 -18.47
N LEU A 111 7.05 2.41 -17.52
CA LEU A 111 6.95 1.50 -16.36
C LEU A 111 6.92 2.35 -15.09
N ILE A 112 5.95 2.09 -14.21
CA ILE A 112 5.88 2.69 -12.85
C ILE A 112 6.21 1.60 -11.84
N GLY A 113 7.32 1.77 -11.16
CA GLY A 113 7.84 0.88 -10.11
C GLY A 113 6.87 0.70 -8.95
N MET A 114 6.84 -0.51 -8.44
CA MET A 114 6.02 -0.90 -7.27
C MET A 114 6.21 0.12 -6.14
N GLY A 115 5.11 0.49 -5.52
CA GLY A 115 5.08 1.34 -4.33
C GLY A 115 5.18 2.82 -4.72
N ALA A 116 5.35 3.18 -5.98
CA ALA A 116 5.51 4.60 -6.34
C ALA A 116 4.19 5.33 -6.11
N VAL A 117 4.26 6.65 -5.95
CA VAL A 117 3.08 7.54 -5.96
C VAL A 117 3.30 8.57 -7.05
N VAL A 118 2.35 8.71 -7.99
CA VAL A 118 2.46 9.68 -9.11
C VAL A 118 1.29 10.64 -8.96
N LEU A 119 1.62 11.89 -8.63
CA LEU A 119 0.62 12.93 -8.30
C LEU A 119 0.08 13.62 -9.56
N ASP A 120 -0.88 14.52 -9.35
CA ASP A 120 -1.72 15.09 -10.44
C ASP A 120 -0.85 15.94 -11.37
N HIS A 121 -1.27 16.01 -12.64
CA HIS A 121 -0.67 16.80 -13.77
C HIS A 121 0.78 16.38 -14.07
N VAL A 122 1.23 15.25 -13.51
CA VAL A 122 2.52 14.60 -13.93
C VAL A 122 2.29 14.06 -15.34
N VAL A 123 3.30 14.23 -16.19
CA VAL A 123 3.41 13.56 -17.51
C VAL A 123 4.62 12.63 -17.46
N VAL A 124 4.42 11.32 -17.62
CA VAL A 124 5.51 10.32 -17.81
C VAL A 124 5.61 10.04 -19.31
N GLY A 125 6.70 10.50 -19.91
CA GLY A 125 6.99 10.39 -21.36
C GLY A 125 7.18 8.94 -21.79
N GLU A 126 7.03 8.72 -23.09
CA GLU A 126 7.14 7.42 -23.80
C GLU A 126 8.39 6.69 -23.30
N GLY A 127 8.21 5.46 -22.82
CA GLY A 127 9.32 4.57 -22.45
C GLY A 127 10.08 4.99 -21.22
N ALA A 128 9.56 5.93 -20.43
CA ALA A 128 10.27 6.38 -19.21
C ALA A 128 10.03 5.37 -18.07
N ILE A 129 10.86 5.45 -17.04
CA ILE A 129 10.78 4.60 -15.84
C ILE A 129 10.70 5.47 -14.57
N VAL A 130 9.71 5.19 -13.73
CA VAL A 130 9.62 5.71 -12.33
C VAL A 130 10.05 4.57 -11.41
N ALA A 131 11.15 4.73 -10.69
CA ALA A 131 11.69 3.66 -9.82
C ALA A 131 10.71 3.35 -8.67
N ALA A 132 10.84 2.16 -8.11
CA ALA A 132 10.00 1.65 -7.00
C ALA A 132 10.03 2.68 -5.86
N GLY A 133 8.88 2.97 -5.24
CA GLY A 133 8.82 3.80 -4.03
C GLY A 133 9.00 5.28 -4.28
N SER A 134 9.15 5.71 -5.53
CA SER A 134 9.32 7.14 -5.86
C SER A 134 8.05 7.89 -5.46
N VAL A 135 8.15 9.17 -5.16
CA VAL A 135 6.98 10.09 -5.10
C VAL A 135 7.19 11.21 -6.12
N VAL A 136 6.37 11.24 -7.17
CA VAL A 136 6.52 12.20 -8.29
C VAL A 136 5.61 13.39 -7.98
N LEU A 137 6.20 14.56 -7.72
CA LEU A 137 5.48 15.77 -7.27
C LEU A 137 4.52 16.18 -8.34
N THR A 138 3.44 16.84 -7.92
CA THR A 138 2.44 17.46 -8.84
C THR A 138 3.15 18.22 -9.97
N GLY A 139 2.81 17.98 -11.23
CA GLY A 139 3.24 18.77 -12.38
C GLY A 139 4.59 18.38 -12.92
N THR A 140 5.30 17.42 -12.32
CA THR A 140 6.61 16.95 -12.83
C THR A 140 6.45 16.42 -14.27
N GLN A 141 7.27 16.91 -15.19
CA GLN A 141 7.29 16.45 -16.61
C GLN A 141 8.46 15.49 -16.79
N ILE A 142 8.20 14.22 -16.93
CA ILE A 142 9.26 13.18 -17.02
C ILE A 142 9.45 12.97 -18.52
N GLU A 143 10.66 13.23 -18.99
CA GLU A 143 11.08 13.12 -20.41
C GLU A 143 10.91 11.68 -20.88
N PRO A 144 10.63 11.49 -22.17
CA PRO A 144 10.71 10.17 -22.78
C PRO A 144 12.05 9.50 -22.47
N ASN A 145 12.04 8.22 -22.12
CA ASN A 145 13.28 7.39 -22.12
C ASN A 145 14.23 7.90 -21.05
N SER A 146 13.70 8.42 -19.96
CA SER A 146 14.48 8.81 -18.76
C SER A 146 14.13 7.89 -17.59
N ILE A 147 14.97 7.87 -16.58
CA ILE A 147 14.67 7.20 -15.29
C ILE A 147 14.59 8.29 -14.22
N TYR A 148 13.51 8.28 -13.45
CA TYR A 148 13.31 9.12 -12.25
C TYR A 148 13.17 8.24 -11.04
N ALA A 149 13.68 8.70 -9.92
CA ALA A 149 13.71 7.90 -8.68
C ALA A 149 13.76 8.86 -7.51
N GLY A 150 13.24 8.42 -6.37
CA GLY A 150 13.31 9.12 -5.07
C GLY A 150 11.99 9.81 -4.71
N ALA A 151 12.03 10.51 -3.59
CA ALA A 151 10.90 11.18 -2.93
C ALA A 151 11.45 12.48 -2.42
N PRO A 152 11.39 13.60 -3.18
CA PRO A 152 10.71 13.66 -4.47
C PRO A 152 11.51 13.05 -5.62
N ALA A 153 10.81 12.66 -6.70
CA ALA A 153 11.39 11.90 -7.83
C ALA A 153 12.25 12.86 -8.66
N ARG A 154 13.52 12.50 -8.88
CA ARG A 154 14.46 13.37 -9.66
C ARG A 154 15.02 12.60 -10.87
N PHE A 155 15.47 13.30 -11.89
CA PHE A 155 16.16 12.69 -13.06
C PHE A 155 17.43 11.94 -12.62
N ILE A 156 17.51 10.65 -12.96
CA ILE A 156 18.72 9.81 -12.71
C ILE A 156 19.53 9.71 -14.01
N LYS A 157 18.97 9.19 -15.07
CA LYS A 157 19.72 9.10 -16.35
C LYS A 157 18.80 8.71 -17.49
N LYS A 158 19.31 8.82 -18.71
CA LYS A 158 18.59 8.35 -19.92
C LYS A 158 18.53 6.85 -19.79
N VAL A 159 17.44 6.28 -20.25
CA VAL A 159 17.28 4.82 -20.45
C VAL A 159 18.37 4.41 -21.45
N ASP A 160 19.10 3.35 -21.16
CA ASP A 160 20.08 2.80 -22.13
C ASP A 160 19.30 2.25 -23.31
N PRO A 161 19.45 2.81 -24.54
CA PRO A 161 18.76 2.25 -25.72
C PRO A 161 19.27 0.85 -26.11
N GLU A 162 20.53 0.53 -25.78
CA GLU A 162 21.14 -0.79 -26.12
C GLU A 162 20.52 -1.85 -25.21
N GLN A 163 19.66 -1.51 -24.25
CA GLN A 163 19.06 -2.56 -23.40
C GLN A 163 17.54 -2.48 -23.47
N SER A 164 16.86 -3.57 -23.09
CA SER A 164 15.38 -3.68 -23.06
C SER A 164 14.79 -2.85 -21.90
N ARG A 165 13.48 -2.59 -21.94
CA ARG A 165 12.74 -1.86 -20.87
C ARG A 165 12.99 -2.54 -19.51
N GLU A 166 12.81 -3.86 -19.48
CA GLU A 166 12.87 -4.73 -18.29
C GLU A 166 14.30 -4.71 -17.68
N MET A 167 15.35 -4.70 -18.51
CA MET A 167 16.75 -4.73 -18.01
C MET A 167 17.11 -3.33 -17.49
N ASN A 168 16.68 -2.30 -18.22
CA ASN A 168 16.74 -0.87 -17.80
C ASN A 168 16.07 -0.72 -16.41
N PHE A 169 14.89 -1.32 -16.23
CA PHE A 169 14.16 -1.39 -14.92
C PHE A 169 15.09 -2.02 -13.87
N ARG A 170 15.60 -3.22 -14.14
CA ARG A 170 16.44 -4.00 -13.20
C ARG A 170 17.67 -3.16 -12.80
N ILE A 171 18.31 -2.52 -13.77
CA ILE A 171 19.54 -1.69 -13.55
C ILE A 171 19.20 -0.50 -12.64
N ALA A 172 18.05 0.17 -12.90
CA ALA A 172 17.48 1.31 -12.13
C ALA A 172 17.16 0.95 -10.67
N HIS A 173 17.00 -0.35 -10.36
CA HIS A 173 16.66 -0.88 -9.00
C HIS A 173 17.83 -1.61 -8.36
N ASN A 174 19.02 -1.47 -8.93
CA ASN A 174 20.26 -2.09 -8.39
C ASN A 174 21.05 -1.01 -7.62
N TYR A 175 21.59 -1.37 -6.44
CA TYR A 175 22.29 -0.43 -5.55
C TYR A 175 23.55 0.13 -6.26
N ARG A 176 24.16 -0.64 -7.16
CA ARG A 176 25.40 -0.25 -7.91
C ARG A 176 25.21 1.14 -8.53
N MET A 177 24.02 1.45 -9.07
CA MET A 177 23.70 2.69 -9.82
C MET A 177 23.41 3.91 -8.89
N TYR A 178 23.53 3.77 -7.57
CA TYR A 178 23.29 4.84 -6.57
C TYR A 178 24.29 4.69 -5.40
N ALA A 179 25.60 4.63 -5.68
CA ALA A 179 26.60 4.10 -4.72
C ALA A 179 27.47 5.22 -4.13
N SER A 180 27.36 5.42 -2.79
CA SER A 180 28.23 6.24 -1.90
C SER A 180 27.92 7.75 -2.02
N TRP A 181 27.44 8.19 -3.21
CA TRP A 181 27.06 9.59 -3.56
C TRP A 181 25.54 9.64 -3.70
N PHE A 182 25.00 9.23 -4.87
CA PHE A 182 23.57 9.38 -5.28
C PHE A 182 22.69 8.59 -4.30
N LYS A 183 21.74 9.26 -3.63
CA LYS A 183 20.83 8.69 -2.60
C LYS A 183 19.38 8.87 -3.12
N ASP A 184 18.99 8.07 -4.14
CA ASP A 184 17.61 8.04 -4.75
C ASP A 184 17.29 6.65 -5.35
N GLU A 185 16.12 6.05 -5.04
CA GLU A 185 15.84 4.60 -5.28
C GLU A 185 16.31 4.18 -6.67
N LYS B 13 -21.41 -8.65 -1.94
CA LYS B 13 -22.67 -7.97 -1.53
C LYS B 13 -22.35 -6.76 -0.63
N MET B 14 -21.56 -6.91 0.45
CA MET B 14 -21.28 -5.78 1.37
C MET B 14 -19.97 -5.90 2.19
N ALA B 15 -19.62 -4.81 2.86
CA ALA B 15 -18.38 -4.66 3.66
C ALA B 15 -18.25 -5.83 4.64
N LEU B 16 -17.03 -6.33 4.82
CA LEU B 16 -16.68 -7.28 5.90
C LEU B 16 -16.66 -6.52 7.24
N ILE B 17 -17.63 -6.80 8.09
CA ILE B 17 -17.77 -6.23 9.45
C ILE B 17 -17.81 -7.37 10.46
N GLN B 18 -16.92 -7.41 11.46
CA GLN B 18 -16.79 -8.61 12.33
C GLN B 18 -16.39 -8.17 13.74
N SER B 19 -16.95 -8.80 14.78
CA SER B 19 -16.50 -8.74 16.18
C SER B 19 -15.21 -9.54 16.37
N VAL B 20 -14.34 -9.12 17.29
CA VAL B 20 -13.20 -9.96 17.72
C VAL B 20 -13.08 -9.77 19.21
N ARG B 21 -13.01 -10.89 19.95
CA ARG B 21 -13.04 -10.98 21.43
C ARG B 21 -14.25 -10.23 21.98
N GLY B 22 -15.37 -10.22 21.26
CA GLY B 22 -16.58 -9.54 21.73
C GLY B 22 -16.63 -8.07 21.38
N PHE B 23 -15.59 -7.46 20.84
CA PHE B 23 -15.62 -6.04 20.41
C PHE B 23 -16.25 -5.93 19.02
N THR B 24 -17.30 -5.14 18.90
CA THR B 24 -18.18 -5.02 17.71
C THR B 24 -18.07 -3.60 17.19
N PRO B 25 -17.79 -3.44 15.89
CA PRO B 25 -17.77 -2.13 15.26
C PRO B 25 -19.08 -1.38 15.52
N ILE B 26 -18.99 -0.10 15.80
CA ILE B 26 -20.13 0.85 15.90
C ILE B 26 -19.95 1.91 14.81
N ILE B 27 -20.90 1.98 13.88
CA ILE B 27 -20.88 2.88 12.68
C ILE B 27 -22.00 3.92 12.82
N GLY B 28 -21.70 5.22 12.74
CA GLY B 28 -22.69 6.32 12.78
C GLY B 28 -23.60 6.32 11.56
N GLU B 29 -24.71 7.06 11.64
CA GLU B 29 -25.69 7.26 10.55
C GLU B 29 -24.98 7.92 9.35
N ASP B 30 -25.45 7.66 8.14
CA ASP B 30 -25.06 8.42 6.93
C ASP B 30 -23.59 8.10 6.61
N THR B 31 -23.12 6.89 6.92
CA THR B 31 -21.72 6.50 6.71
C THR B 31 -21.67 5.53 5.52
N PHE B 32 -20.82 5.79 4.54
CA PHE B 32 -20.57 4.89 3.39
C PHE B 32 -19.42 3.90 3.71
N LEU B 33 -19.74 2.61 3.61
CA LEU B 33 -18.80 1.47 3.71
C LEU B 33 -18.75 0.77 2.35
N ALA B 34 -17.66 0.88 1.59
CA ALA B 34 -17.51 0.22 0.27
C ALA B 34 -17.73 -1.29 0.46
N GLU B 35 -18.31 -1.95 -0.55
CA GLU B 35 -18.60 -3.41 -0.56
C GLU B 35 -17.37 -4.24 -0.15
N ASN B 36 -16.14 -3.81 -0.45
CA ASN B 36 -14.90 -4.58 -0.13
C ASN B 36 -14.08 -3.83 0.94
N ALA B 37 -14.67 -2.93 1.72
CA ALA B 37 -14.02 -2.46 2.96
C ALA B 37 -14.02 -3.57 4.01
N THR B 38 -13.14 -3.49 5.00
CA THR B 38 -13.06 -4.39 6.18
C THR B 38 -13.07 -3.52 7.43
N ILE B 39 -13.99 -3.78 8.34
CA ILE B 39 -14.04 -3.12 9.66
C ILE B 39 -14.22 -4.19 10.73
N VAL B 40 -13.29 -4.25 11.66
CA VAL B 40 -13.13 -5.44 12.52
C VAL B 40 -12.79 -4.97 13.93
N GLY B 41 -13.52 -5.49 14.90
CA GLY B 41 -13.17 -5.38 16.32
C GLY B 41 -13.58 -4.03 16.88
N ASP B 42 -12.67 -3.48 17.68
CA ASP B 42 -12.93 -2.32 18.56
C ASP B 42 -12.88 -1.02 17.74
N VAL B 43 -13.83 -0.78 16.85
CA VAL B 43 -13.83 0.42 15.96
C VAL B 43 -15.12 1.16 16.23
N VAL B 44 -15.05 2.46 16.45
CA VAL B 44 -16.24 3.35 16.47
C VAL B 44 -15.99 4.47 15.49
N MET B 45 -16.93 4.72 14.61
CA MET B 45 -16.89 5.87 13.68
C MET B 45 -18.13 6.73 13.96
N GLY B 46 -18.08 8.01 13.67
CA GLY B 46 -19.27 8.87 13.79
C GLY B 46 -20.05 8.96 12.51
N LYS B 47 -20.75 10.08 12.32
CA LYS B 47 -21.70 10.29 11.20
C LYS B 47 -20.92 10.84 9.99
N GLY B 48 -21.42 10.58 8.78
CA GLY B 48 -20.96 11.18 7.50
C GLY B 48 -19.61 10.65 7.04
N CYS B 49 -19.13 9.54 7.60
CA CYS B 49 -17.80 8.97 7.31
C CYS B 49 -17.92 8.15 6.03
N SER B 50 -16.81 7.94 5.34
CA SER B 50 -16.73 7.09 4.14
C SER B 50 -15.46 6.22 4.27
N VAL B 51 -15.64 4.92 4.12
CA VAL B 51 -14.51 3.94 4.11
C VAL B 51 -14.46 3.34 2.71
N TRP B 52 -13.38 3.55 1.98
CA TRP B 52 -13.37 3.33 0.52
C TRP B 52 -12.79 1.95 0.16
N PHE B 53 -12.56 1.70 -1.12
CA PHE B 53 -12.39 0.33 -1.64
C PHE B 53 -11.15 -0.25 -0.99
N ASN B 54 -11.31 -1.44 -0.39
CA ASN B 54 -10.19 -2.23 0.17
C ASN B 54 -9.55 -1.54 1.37
N ALA B 55 -10.22 -0.54 1.96
CA ALA B 55 -9.74 0.04 3.23
C ALA B 55 -9.95 -1.01 4.33
N VAL B 56 -9.03 -1.02 5.29
CA VAL B 56 -8.99 -1.98 6.43
C VAL B 56 -8.83 -1.17 7.72
N LEU B 57 -9.85 -1.23 8.57
CA LEU B 57 -9.85 -0.72 9.96
C LEU B 57 -9.77 -1.94 10.90
N ARG B 58 -8.56 -2.26 11.37
CA ARG B 58 -8.32 -3.51 12.12
C ARG B 58 -8.21 -3.14 13.60
N GLY B 59 -9.33 -3.18 14.32
CA GLY B 59 -9.40 -2.95 15.77
C GLY B 59 -9.33 -4.24 16.54
N ASP B 60 -8.35 -5.10 16.27
CA ASP B 60 -8.32 -6.44 16.90
C ASP B 60 -7.52 -6.39 18.21
N VAL B 61 -6.50 -5.54 18.29
CA VAL B 61 -5.51 -5.57 19.40
C VAL B 61 -5.63 -4.29 20.25
N ASN B 62 -6.33 -3.27 19.77
CA ASN B 62 -6.56 -2.01 20.52
C ASN B 62 -7.57 -1.12 19.79
N SER B 63 -7.98 0.00 20.39
CA SER B 63 -9.15 0.82 19.95
C SER B 63 -8.81 1.69 18.73
N ILE B 64 -9.77 1.85 17.84
CA ILE B 64 -9.82 2.84 16.74
C ILE B 64 -11.08 3.69 16.93
N ARG B 65 -10.89 4.99 17.15
CA ARG B 65 -11.96 5.98 17.34
C ARG B 65 -11.84 7.03 16.24
N ILE B 66 -12.93 7.22 15.52
CA ILE B 66 -12.99 8.11 14.33
C ILE B 66 -14.23 8.98 14.49
N GLY B 67 -14.07 10.29 14.40
CA GLY B 67 -15.13 11.27 14.53
C GLY B 67 -15.97 11.32 13.27
N ASP B 68 -16.55 12.49 13.01
CA ASP B 68 -17.59 12.72 11.97
C ASP B 68 -16.94 13.22 10.70
N ASN B 69 -17.51 12.81 9.57
CA ASN B 69 -17.15 13.34 8.23
C ASN B 69 -15.71 12.98 7.89
N VAL B 70 -15.27 11.80 8.30
CA VAL B 70 -13.87 11.33 8.02
C VAL B 70 -13.91 10.42 6.80
N ASN B 71 -13.03 10.65 5.84
CA ASN B 71 -12.86 9.67 4.72
C ASN B 71 -11.54 8.91 4.95
N ILE B 72 -11.64 7.60 4.85
CA ILE B 72 -10.49 6.64 4.83
C ILE B 72 -10.43 6.10 3.41
N GLN B 73 -9.47 6.55 2.61
CA GLN B 73 -9.51 6.33 1.14
C GLN B 73 -8.96 4.94 0.83
N ASP B 74 -8.95 4.62 -0.46
CA ASP B 74 -8.83 3.23 -0.99
C ASP B 74 -7.46 2.71 -0.57
N GLY B 75 -7.45 1.52 -0.03
CA GLY B 75 -6.22 0.74 0.21
C GLY B 75 -5.61 1.06 1.55
N SER B 76 -6.20 1.96 2.32
CA SER B 76 -5.61 2.46 3.59
C SER B 76 -5.78 1.43 4.70
N ILE B 77 -4.80 1.31 5.57
CA ILE B 77 -4.75 0.36 6.69
C ILE B 77 -4.63 1.17 7.98
N LEU B 78 -5.55 0.92 8.92
CA LEU B 78 -5.54 1.47 10.29
C LEU B 78 -5.34 0.27 11.24
N HIS B 79 -4.28 0.30 12.00
CA HIS B 79 -3.99 -0.75 13.00
C HIS B 79 -3.33 -0.09 14.22
N THR B 80 -3.11 -0.90 15.25
CA THR B 80 -2.55 -0.48 16.54
C THR B 80 -1.55 -1.52 17.01
N LEU B 81 -0.82 -1.19 18.08
CA LEU B 81 -0.01 -2.11 18.90
C LEU B 81 -0.81 -2.58 20.12
N TYR B 82 -0.89 -3.90 20.32
CA TYR B 82 -1.58 -4.56 21.47
C TYR B 82 -1.19 -3.90 22.79
N GLN B 83 -2.14 -3.38 23.55
CA GLN B 83 -1.87 -2.89 24.93
C GLN B 83 -1.02 -1.61 24.89
N LYS B 84 -0.72 -1.01 23.73
CA LYS B 84 0.41 -0.03 23.65
C LYS B 84 0.06 1.24 22.91
N SER B 85 -0.67 1.17 21.79
CA SER B 85 -1.05 2.33 20.96
C SER B 85 -2.52 2.22 20.57
N THR B 86 -3.14 3.36 20.29
CA THR B 86 -4.55 3.47 19.84
C THR B 86 -4.61 4.45 18.68
N ILE B 87 -5.70 4.40 17.91
CA ILE B 87 -6.03 5.41 16.89
C ILE B 87 -7.19 6.27 17.42
N GLU B 88 -7.00 7.58 17.38
CA GLU B 88 -8.01 8.62 17.65
C GLU B 88 -7.95 9.55 16.44
N ILE B 89 -9.05 9.66 15.71
CA ILE B 89 -9.14 10.55 14.51
C ILE B 89 -10.31 11.49 14.76
N GLY B 90 -10.05 12.81 14.74
CA GLY B 90 -11.08 13.83 14.98
C GLY B 90 -12.01 13.97 13.79
N ASP B 91 -12.66 15.12 13.68
CA ASP B 91 -13.74 15.38 12.67
C ASP B 91 -13.10 15.96 11.40
N ASN B 92 -13.72 15.69 10.25
CA ASN B 92 -13.37 16.38 8.99
C ASN B 92 -11.91 16.10 8.65
N VAL B 93 -11.45 14.87 8.89
CA VAL B 93 -10.10 14.37 8.51
C VAL B 93 -10.20 13.59 7.19
N SER B 94 -9.24 13.81 6.31
CA SER B 94 -9.07 13.08 5.03
C SER B 94 -7.79 12.23 5.12
N VAL B 95 -7.95 10.93 4.99
CA VAL B 95 -6.83 9.94 4.99
C VAL B 95 -6.71 9.42 3.57
N GLY B 96 -5.61 9.77 2.91
CA GLY B 96 -5.33 9.48 1.49
C GLY B 96 -5.21 7.99 1.15
N HIS B 97 -5.21 7.69 -0.16
CA HIS B 97 -5.11 6.32 -0.71
C HIS B 97 -3.83 5.66 -0.19
N ASN B 98 -3.89 4.35 0.12
CA ASN B 98 -2.72 3.47 0.46
C ASN B 98 -1.91 4.06 1.62
N VAL B 99 -2.58 4.75 2.53
CA VAL B 99 -1.94 5.26 3.77
C VAL B 99 -1.92 4.13 4.77
N VAL B 100 -0.89 4.05 5.59
CA VAL B 100 -0.94 3.22 6.84
C VAL B 100 -0.92 4.17 8.04
N ILE B 101 -1.96 4.12 8.87
CA ILE B 101 -2.00 4.74 10.23
C ILE B 101 -1.84 3.64 11.27
N HIS B 102 -0.76 3.70 12.04
CA HIS B 102 -0.46 2.75 13.13
C HIS B 102 -0.41 3.54 14.46
N GLY B 103 -1.43 3.37 15.28
CA GLY B 103 -1.48 3.91 16.66
C GLY B 103 -1.28 5.42 16.79
N ALA B 104 -1.78 6.23 15.88
CA ALA B 104 -1.58 7.70 15.83
C ALA B 104 -2.85 8.44 16.24
N LYS B 105 -2.69 9.68 16.71
CA LYS B 105 -3.81 10.60 16.96
C LYS B 105 -3.79 11.65 15.83
N ILE B 106 -4.91 11.83 15.16
CA ILE B 106 -5.06 12.84 14.09
C ILE B 106 -6.19 13.76 14.53
N CYS B 107 -5.88 15.04 14.74
CA CYS B 107 -6.84 16.07 15.21
C CYS B 107 -7.74 16.55 14.04
N ASP B 108 -8.71 17.39 14.37
CA ASP B 108 -9.73 17.92 13.42
C ASP B 108 -9.03 18.61 12.25
N TYR B 109 -9.60 18.45 11.05
CA TYR B 109 -9.25 19.22 9.84
C TYR B 109 -7.85 18.84 9.34
N ALA B 110 -7.30 17.71 9.74
CA ALA B 110 -5.97 17.27 9.24
C ALA B 110 -6.12 16.46 7.95
N LEU B 111 -5.10 16.51 7.08
CA LEU B 111 -5.01 15.67 5.84
C LEU B 111 -3.77 14.78 5.95
N ILE B 112 -3.92 13.52 5.61
CA ILE B 112 -2.79 12.59 5.43
C ILE B 112 -2.72 12.28 3.94
N GLY B 113 -1.70 12.80 3.26
CA GLY B 113 -1.42 12.53 1.84
C GLY B 113 -1.23 11.04 1.51
N MET B 114 -1.64 10.70 0.31
CA MET B 114 -1.65 9.33 -0.20
C MET B 114 -0.25 8.76 -0.10
N GLY B 115 -0.15 7.48 0.24
CA GLY B 115 1.12 6.74 0.29
C GLY B 115 1.86 6.97 1.58
N ALA B 116 1.36 7.84 2.48
CA ALA B 116 2.07 8.16 3.73
C ALA B 116 1.96 6.99 4.69
N VAL B 117 2.94 6.86 5.57
CA VAL B 117 2.95 5.96 6.74
C VAL B 117 3.04 6.83 8.00
N VAL B 118 2.13 6.66 8.96
CA VAL B 118 2.10 7.44 10.21
C VAL B 118 2.18 6.46 11.38
N LEU B 119 3.27 6.50 12.10
CA LEU B 119 3.61 5.46 13.11
C LEU B 119 3.08 5.84 14.50
N ASP B 120 3.32 4.95 15.45
CA ASP B 120 2.63 4.94 16.76
C ASP B 120 3.03 6.17 17.58
N HIS B 121 2.10 6.68 18.37
CA HIS B 121 2.28 7.81 19.31
C HIS B 121 2.51 9.10 18.51
N VAL B 122 2.31 9.11 17.21
CA VAL B 122 2.32 10.38 16.45
C VAL B 122 1.06 11.14 16.85
N VAL B 123 1.16 12.47 16.95
CA VAL B 123 0.00 13.39 17.08
C VAL B 123 0.05 14.34 15.89
N VAL B 124 -1.00 14.35 15.08
CA VAL B 124 -1.13 15.29 13.94
C VAL B 124 -2.10 16.40 14.36
N GLY B 125 -1.53 17.57 14.63
CA GLY B 125 -2.25 18.73 15.16
C GLY B 125 -3.41 19.19 14.28
N GLU B 126 -4.33 19.93 14.90
CA GLU B 126 -5.48 20.49 14.17
C GLU B 126 -5.01 21.21 12.90
N GLY B 127 -5.62 20.87 11.76
CA GLY B 127 -5.39 21.56 10.49
C GLY B 127 -4.01 21.27 9.87
N ALA B 128 -3.27 20.31 10.39
CA ALA B 128 -1.92 20.00 9.86
C ALA B 128 -2.08 19.11 8.62
N ILE B 129 -1.01 19.06 7.82
CA ILE B 129 -0.94 18.26 6.59
C ILE B 129 0.34 17.41 6.60
N VAL B 130 0.20 16.11 6.37
CA VAL B 130 1.32 15.18 6.06
C VAL B 130 1.33 14.99 4.54
N ALA B 131 2.41 15.38 3.88
CA ALA B 131 2.58 15.28 2.41
C ALA B 131 2.50 13.81 1.94
N ALA B 132 2.06 13.59 0.69
CA ALA B 132 2.05 12.28 0.03
C ALA B 132 3.38 11.59 0.30
N GLY B 133 3.39 10.31 0.66
CA GLY B 133 4.64 9.53 0.67
C GLY B 133 5.49 9.77 1.88
N SER B 134 5.08 10.60 2.83
CA SER B 134 5.89 10.82 4.05
C SER B 134 5.93 9.54 4.89
N VAL B 135 6.96 9.40 5.69
CA VAL B 135 7.00 8.43 6.80
C VAL B 135 7.20 9.22 8.09
N VAL B 136 6.21 9.22 8.97
CA VAL B 136 6.24 10.02 10.22
C VAL B 136 6.71 9.08 11.31
N LEU B 137 7.88 9.35 11.89
CA LEU B 137 8.53 8.46 12.89
C LEU B 137 7.66 8.41 14.15
N THR B 138 7.75 7.28 14.87
CA THR B 138 7.12 7.06 16.19
C THR B 138 7.22 8.32 17.06
N GLY B 139 6.13 8.82 17.60
CA GLY B 139 6.24 9.89 18.60
C GLY B 139 6.33 11.30 18.01
N THR B 140 6.43 11.48 16.69
CA THR B 140 6.52 12.82 16.09
C THR B 140 5.29 13.64 16.54
N GLN B 141 5.51 14.84 17.08
CA GLN B 141 4.40 15.76 17.44
C GLN B 141 4.27 16.75 16.27
N ILE B 142 3.20 16.73 15.50
CA ILE B 142 3.04 17.67 14.36
C ILE B 142 2.18 18.83 14.84
N GLU B 143 2.75 20.05 14.78
CA GLU B 143 2.14 21.30 15.27
C GLU B 143 0.83 21.51 14.53
N PRO B 144 -0.20 22.07 15.17
CA PRO B 144 -1.36 22.54 14.42
C PRO B 144 -0.98 23.41 13.21
N ASN B 145 -1.68 23.24 12.10
CA ASN B 145 -1.57 24.17 10.95
C ASN B 145 -0.16 24.16 10.40
N SER B 146 0.51 23.01 10.41
CA SER B 146 1.87 22.84 9.84
C SER B 146 1.83 21.79 8.71
N ILE B 147 2.83 21.86 7.84
CA ILE B 147 3.07 20.87 6.76
C ILE B 147 4.33 20.09 7.11
N TYR B 148 4.22 18.75 7.18
CA TYR B 148 5.34 17.81 7.39
C TYR B 148 5.44 16.97 6.11
N ALA B 149 6.67 16.72 5.68
CA ALA B 149 6.95 15.97 4.44
C ALA B 149 8.25 15.22 4.63
N GLY B 150 8.41 14.15 3.85
CA GLY B 150 9.67 13.40 3.75
C GLY B 150 9.60 12.15 4.59
N ALA B 151 10.72 11.45 4.62
CA ALA B 151 10.95 10.17 5.29
C ALA B 151 12.36 10.20 5.85
N PRO B 152 12.62 10.47 7.14
CA PRO B 152 11.58 10.78 8.13
C PRO B 152 10.93 12.13 7.85
N ALA B 153 9.63 12.24 8.15
CA ALA B 153 8.81 13.47 7.98
C ALA B 153 9.38 14.60 8.86
N ARG B 154 9.56 15.79 8.29
CA ARG B 154 10.12 16.98 9.00
C ARG B 154 9.21 18.17 8.73
N PHE B 155 9.23 19.13 9.65
CA PHE B 155 8.51 20.44 9.52
C PHE B 155 8.88 21.13 8.18
N ILE B 156 7.92 21.64 7.42
CA ILE B 156 8.18 22.39 6.15
C ILE B 156 7.76 23.84 6.37
N LYS B 157 6.56 24.07 6.91
CA LYS B 157 6.04 25.46 7.06
C LYS B 157 4.74 25.48 7.84
N LYS B 158 4.38 26.66 8.34
CA LYS B 158 3.05 26.96 8.93
C LYS B 158 2.12 27.27 7.76
N VAL B 159 0.85 27.01 7.98
CA VAL B 159 -0.24 27.45 7.06
C VAL B 159 -1.19 28.30 7.92
N ASP B 160 -1.91 29.20 7.27
CA ASP B 160 -2.87 30.07 7.98
C ASP B 160 -3.96 29.20 8.59
N PRO B 161 -4.19 29.26 9.92
CA PRO B 161 -5.13 28.37 10.57
C PRO B 161 -6.55 28.39 9.99
N GLU B 162 -7.06 29.59 9.67
CA GLU B 162 -8.47 29.74 9.21
C GLU B 162 -8.60 29.12 7.80
N GLN B 163 -7.64 29.39 6.90
CA GLN B 163 -7.59 28.80 5.54
C GLN B 163 -7.42 27.28 5.62
N SER B 164 -6.48 26.79 6.43
CA SER B 164 -6.20 25.34 6.50
C SER B 164 -7.50 24.63 6.92
N ARG B 165 -8.18 25.15 7.94
CA ARG B 165 -9.39 24.48 8.49
C ARG B 165 -10.49 24.46 7.42
N GLU B 166 -10.67 25.56 6.69
CA GLU B 166 -11.80 25.65 5.73
C GLU B 166 -11.43 24.80 4.50
N MET B 167 -10.22 24.88 3.98
CA MET B 167 -9.80 24.02 2.85
C MET B 167 -10.02 22.54 3.25
N ASN B 168 -9.48 22.09 4.38
CA ASN B 168 -9.49 20.65 4.77
C ASN B 168 -10.93 20.24 5.02
N PHE B 169 -11.74 21.16 5.53
CA PHE B 169 -13.19 20.95 5.74
C PHE B 169 -13.86 20.64 4.39
N ARG B 170 -13.47 21.37 3.35
CA ARG B 170 -14.15 21.32 2.01
C ARG B 170 -13.74 20.06 1.27
N ILE B 171 -12.52 19.58 1.48
CA ILE B 171 -12.06 18.25 0.98
C ILE B 171 -12.91 17.15 1.63
N ALA B 172 -13.09 17.18 2.95
CA ALA B 172 -13.94 16.20 3.70
C ALA B 172 -15.41 16.34 3.28
N HIS B 173 -15.88 17.58 3.03
CA HIS B 173 -17.27 17.86 2.58
C HIS B 173 -17.51 17.30 1.18
N ASN B 174 -16.61 17.55 0.21
CA ASN B 174 -16.66 16.89 -1.13
C ASN B 174 -16.69 15.36 -1.02
N TYR B 175 -15.84 14.77 -0.17
CA TYR B 175 -15.78 13.29 -0.02
C TYR B 175 -17.15 12.77 0.42
N ARG B 176 -17.86 13.49 1.30
CA ARG B 176 -19.22 13.04 1.69
C ARG B 176 -20.13 13.03 0.45
N MET B 177 -20.02 14.05 -0.38
CA MET B 177 -20.78 14.11 -1.65
C MET B 177 -20.36 12.94 -2.57
N TYR B 178 -19.08 12.65 -2.78
CA TYR B 178 -18.66 11.49 -3.62
C TYR B 178 -19.26 10.21 -3.05
N ALA B 179 -19.27 10.06 -1.73
CA ALA B 179 -19.80 8.84 -1.05
C ALA B 179 -21.29 8.66 -1.40
N SER B 180 -22.04 9.76 -1.43
CA SER B 180 -23.50 9.74 -1.69
C SER B 180 -23.80 9.28 -3.12
N TRP B 181 -22.85 9.38 -4.06
CA TRP B 181 -23.01 8.82 -5.42
C TRP B 181 -22.97 7.30 -5.39
N PHE B 182 -22.38 6.70 -4.37
CA PHE B 182 -22.34 5.22 -4.25
C PHE B 182 -23.53 4.72 -3.40
N LYS B 183 -24.25 5.59 -2.70
CA LYS B 183 -25.58 5.29 -2.06
C LYS B 183 -26.69 6.03 -2.80
N LYS C 13 -17.96 -17.14 3.17
CA LYS C 13 -16.92 -16.67 2.21
C LYS C 13 -15.53 -16.98 2.79
N MET C 14 -14.56 -17.32 1.94
CA MET C 14 -13.15 -17.55 2.38
C MET C 14 -12.13 -16.99 1.37
N ALA C 15 -10.85 -17.11 1.71
CA ALA C 15 -9.69 -16.63 0.94
C ALA C 15 -9.77 -17.15 -0.50
N LEU C 16 -9.43 -16.30 -1.46
CA LEU C 16 -9.26 -16.70 -2.88
C LEU C 16 -7.98 -17.53 -2.96
N ILE C 17 -8.11 -18.85 -3.12
CA ILE C 17 -6.97 -19.79 -3.37
C ILE C 17 -7.13 -20.34 -4.79
N GLN C 18 -6.13 -20.21 -5.66
CA GLN C 18 -6.24 -20.64 -7.07
C GLN C 18 -4.93 -21.30 -7.46
N SER C 19 -4.99 -22.24 -8.42
CA SER C 19 -3.81 -22.86 -9.08
C SER C 19 -3.40 -21.93 -10.23
N VAL C 20 -2.12 -21.89 -10.60
CA VAL C 20 -1.75 -21.34 -11.92
C VAL C 20 -0.64 -22.23 -12.45
N ARG C 21 -0.67 -22.57 -13.75
CA ARG C 21 0.26 -23.51 -14.41
C ARG C 21 0.21 -24.87 -13.69
N GLY C 22 -0.91 -25.21 -13.06
CA GLY C 22 -1.14 -26.46 -12.31
C GLY C 22 -0.52 -26.48 -10.93
N PHE C 23 0.21 -25.45 -10.51
CA PHE C 23 0.72 -25.30 -9.12
C PHE C 23 -0.41 -24.81 -8.22
N THR C 24 -0.58 -25.47 -7.07
CA THR C 24 -1.69 -25.26 -6.13
C THR C 24 -1.06 -24.92 -4.81
N PRO C 25 -1.50 -23.83 -4.13
CA PRO C 25 -0.93 -23.48 -2.84
C PRO C 25 -1.08 -24.64 -1.85
N ILE C 26 -0.04 -24.85 -1.06
CA ILE C 26 0.01 -25.81 0.07
C ILE C 26 0.23 -25.02 1.35
N ILE C 27 -0.70 -25.17 2.30
CA ILE C 27 -0.76 -24.42 3.57
C ILE C 27 -0.61 -25.41 4.74
N GLY C 28 0.40 -25.26 5.61
CA GLY C 28 0.47 -25.97 6.90
C GLY C 28 -0.77 -25.82 7.78
N GLU C 29 -0.82 -26.62 8.83
CA GLU C 29 -1.87 -26.65 9.88
C GLU C 29 -1.84 -25.34 10.65
N ASP C 30 -2.96 -24.95 11.20
CA ASP C 30 -2.98 -23.89 12.22
C ASP C 30 -2.62 -22.55 11.56
N THR C 31 -2.94 -22.39 10.28
CA THR C 31 -2.59 -21.18 9.48
C THR C 31 -3.88 -20.37 9.31
N PHE C 32 -3.86 -19.10 9.68
CA PHE C 32 -5.03 -18.20 9.48
C PHE C 32 -4.92 -17.60 8.08
N LEU C 33 -5.99 -17.69 7.29
CA LEU C 33 -6.15 -16.94 6.01
C LEU C 33 -7.39 -16.04 6.11
N ALA C 34 -7.21 -14.72 6.17
CA ALA C 34 -8.32 -13.75 6.16
C ALA C 34 -9.22 -14.10 4.97
N GLU C 35 -10.50 -13.85 5.11
CA GLU C 35 -11.43 -14.25 4.03
C GLU C 35 -11.26 -13.39 2.78
N ASN C 36 -10.53 -12.25 2.81
CA ASN C 36 -10.27 -11.45 1.58
C ASN C 36 -8.77 -11.51 1.24
N ALA C 37 -8.03 -12.47 1.78
CA ALA C 37 -6.66 -12.79 1.32
C ALA C 37 -6.76 -13.53 -0.02
N THR C 38 -5.68 -13.46 -0.77
CA THR C 38 -5.50 -14.08 -2.08
C THR C 38 -4.22 -14.89 -1.97
N ILE C 39 -4.30 -16.17 -2.25
CA ILE C 39 -3.10 -17.05 -2.42
C ILE C 39 -3.26 -17.86 -3.69
N VAL C 40 -2.30 -17.73 -4.57
CA VAL C 40 -2.43 -18.18 -5.96
C VAL C 40 -1.13 -18.84 -6.44
N GLY C 41 -1.22 -20.00 -7.07
CA GLY C 41 -0.10 -20.67 -7.75
C GLY C 41 0.86 -21.38 -6.81
N ASP C 42 2.15 -21.24 -7.09
CA ASP C 42 3.24 -22.00 -6.47
C ASP C 42 3.65 -21.33 -5.15
N VAL C 43 2.79 -21.51 -4.15
CA VAL C 43 3.00 -21.01 -2.76
C VAL C 43 2.97 -22.21 -1.81
N VAL C 44 3.99 -22.29 -0.98
CA VAL C 44 4.04 -23.28 0.13
C VAL C 44 4.29 -22.51 1.44
N MET C 45 3.43 -22.71 2.43
CA MET C 45 3.51 -22.07 3.75
C MET C 45 3.65 -23.18 4.81
N GLY C 46 4.43 -22.94 5.85
CA GLY C 46 4.44 -23.83 7.02
C GLY C 46 3.18 -23.67 7.85
N LYS C 47 3.28 -24.00 9.13
CA LYS C 47 2.14 -23.94 10.08
C LYS C 47 2.33 -22.77 11.05
N GLY C 48 1.25 -22.40 11.73
CA GLY C 48 1.27 -21.21 12.61
C GLY C 48 1.35 -19.89 11.84
N CYS C 49 1.10 -19.90 10.52
CA CYS C 49 1.22 -18.68 9.69
C CYS C 49 -0.10 -17.90 9.77
N SER C 50 -0.06 -16.63 9.41
CA SER C 50 -1.27 -15.80 9.31
C SER C 50 -1.14 -14.88 8.10
N VAL C 51 -2.21 -14.81 7.29
CA VAL C 51 -2.27 -14.01 6.03
C VAL C 51 -3.46 -13.09 6.19
N TRP C 52 -3.21 -11.80 6.23
CA TRP C 52 -4.20 -10.81 6.77
C TRP C 52 -5.00 -10.19 5.63
N PHE C 53 -5.80 -9.18 5.95
CA PHE C 53 -6.88 -8.66 5.09
C PHE C 53 -6.23 -8.11 3.83
N ASN C 54 -6.70 -8.58 2.67
CA ASN C 54 -6.30 -8.12 1.33
C ASN C 54 -4.81 -8.38 1.06
N ALA C 55 -4.15 -9.25 1.80
CA ALA C 55 -2.80 -9.70 1.40
C ALA C 55 -2.92 -10.51 0.11
N VAL C 56 -1.92 -10.39 -0.77
CA VAL C 56 -1.84 -11.16 -2.03
C VAL C 56 -0.49 -11.90 -2.08
N LEU C 57 -0.53 -13.24 -2.10
CA LEU C 57 0.67 -14.09 -2.39
C LEU C 57 0.54 -14.63 -3.83
N ARG C 58 1.29 -14.05 -4.77
CA ARG C 58 1.09 -14.36 -6.20
C ARG C 58 2.30 -15.18 -6.69
N GLY C 59 2.20 -16.51 -6.59
CA GLY C 59 3.23 -17.47 -7.06
C GLY C 59 2.92 -17.93 -8.48
N ASP C 60 2.57 -17.03 -9.38
CA ASP C 60 2.06 -17.35 -10.73
C ASP C 60 3.20 -17.53 -11.76
N VAL C 61 4.39 -17.00 -11.54
CA VAL C 61 5.51 -17.02 -12.54
C VAL C 61 6.77 -17.57 -11.90
N ASN C 62 6.77 -17.75 -10.59
CA ASN C 62 7.87 -18.42 -9.87
C ASN C 62 7.46 -18.68 -8.43
N SER C 63 8.32 -19.33 -7.65
CA SER C 63 7.87 -19.97 -6.41
C SER C 63 7.98 -19.01 -5.21
N ILE C 64 7.07 -19.20 -4.27
CA ILE C 64 7.06 -18.57 -2.95
C ILE C 64 7.05 -19.70 -1.91
N ARG C 65 8.06 -19.70 -1.06
CA ARG C 65 8.24 -20.65 0.05
C ARG C 65 8.29 -19.87 1.35
N ILE C 66 7.47 -20.25 2.32
CA ILE C 66 7.28 -19.53 3.60
C ILE C 66 7.35 -20.54 4.76
N GLY C 67 8.22 -20.32 5.73
CA GLY C 67 8.37 -21.18 6.92
C GLY C 67 7.18 -21.14 7.86
N ASP C 68 7.46 -21.25 9.16
CA ASP C 68 6.43 -21.32 10.22
C ASP C 68 6.30 -19.98 10.96
N ASN C 69 5.11 -19.75 11.52
CA ASN C 69 4.82 -18.58 12.38
C ASN C 69 5.12 -17.28 11.62
N VAL C 70 4.89 -17.27 10.32
CA VAL C 70 5.08 -16.04 9.51
C VAL C 70 3.73 -15.32 9.44
N ASN C 71 3.73 -14.02 9.75
CA ASN C 71 2.54 -13.16 9.48
C ASN C 71 2.81 -12.34 8.20
N ILE C 72 1.87 -12.38 7.27
CA ILE C 72 1.80 -11.45 6.11
C ILE C 72 0.65 -10.49 6.41
N GLN C 73 0.98 -9.26 6.72
CA GLN C 73 -0.02 -8.31 7.23
C GLN C 73 -0.85 -7.72 6.09
N ASP C 74 -1.87 -6.97 6.46
CA ASP C 74 -2.93 -6.39 5.58
C ASP C 74 -2.31 -5.62 4.44
N GLY C 75 -2.83 -5.85 3.22
CA GLY C 75 -2.47 -5.15 1.98
C GLY C 75 -1.08 -5.50 1.46
N SER C 76 -0.38 -6.49 2.03
CA SER C 76 0.99 -6.84 1.57
C SER C 76 0.93 -7.71 0.30
N ILE C 77 1.86 -7.47 -0.62
CA ILE C 77 2.01 -8.14 -1.94
C ILE C 77 3.35 -8.91 -1.95
N LEU C 78 3.29 -10.22 -2.21
CA LEU C 78 4.46 -11.10 -2.49
C LEU C 78 4.36 -11.52 -3.95
N HIS C 79 5.37 -11.18 -4.73
CA HIS C 79 5.45 -11.54 -6.17
C HIS C 79 6.92 -11.83 -6.52
N THR C 80 7.16 -12.36 -7.70
CA THR C 80 8.49 -12.81 -8.23
C THR C 80 8.58 -12.46 -9.71
N LEU C 81 9.79 -12.51 -10.28
CA LEU C 81 10.07 -12.37 -11.75
C LEU C 81 10.07 -13.75 -12.40
N TYR C 82 9.40 -13.87 -13.56
CA TYR C 82 9.47 -15.04 -14.45
C TYR C 82 10.91 -15.51 -14.58
N GLN C 83 11.19 -16.76 -14.15
CA GLN C 83 12.45 -17.50 -14.38
C GLN C 83 13.65 -16.70 -13.87
N LYS C 84 13.47 -15.80 -12.90
CA LYS C 84 14.56 -14.85 -12.53
C LYS C 84 14.68 -14.72 -11.01
N SER C 85 13.60 -14.82 -10.23
CA SER C 85 13.66 -14.67 -8.76
C SER C 85 12.56 -15.49 -8.07
N THR C 86 12.75 -15.76 -6.79
CA THR C 86 11.84 -16.57 -5.95
C THR C 86 11.81 -15.89 -4.60
N ILE C 87 10.83 -16.21 -3.79
CA ILE C 87 10.73 -15.73 -2.41
C ILE C 87 10.95 -16.93 -1.48
N GLU C 88 11.82 -16.76 -0.52
CA GLU C 88 12.07 -17.70 0.59
C GLU C 88 12.04 -16.86 1.85
N ILE C 89 11.13 -17.21 2.73
CA ILE C 89 10.91 -16.54 4.02
C ILE C 89 11.01 -17.63 5.08
N GLY C 90 11.88 -17.37 6.07
CA GLY C 90 12.16 -18.26 7.21
C GLY C 90 11.03 -18.28 8.20
N ASP C 91 11.30 -18.73 9.42
CA ASP C 91 10.30 -18.83 10.49
C ASP C 91 10.25 -17.52 11.28
N ASN C 92 9.08 -17.24 11.84
CA ASN C 92 8.89 -16.19 12.87
C ASN C 92 9.19 -14.80 12.29
N VAL C 93 8.97 -14.66 10.99
CA VAL C 93 9.10 -13.42 10.20
C VAL C 93 7.78 -12.65 10.24
N SER C 94 7.88 -11.34 10.44
CA SER C 94 6.75 -10.38 10.41
C SER C 94 6.91 -9.49 9.16
N VAL C 95 5.95 -9.56 8.25
CA VAL C 95 5.92 -8.67 7.05
C VAL C 95 4.80 -7.66 7.27
N GLY C 96 5.17 -6.38 7.33
CA GLY C 96 4.27 -5.27 7.75
C GLY C 96 3.14 -5.00 6.78
N HIS C 97 2.17 -4.20 7.23
CA HIS C 97 1.04 -3.71 6.39
C HIS C 97 1.56 -3.05 5.11
N ASN C 98 0.93 -3.36 3.97
CA ASN C 98 1.15 -2.69 2.66
C ASN C 98 2.61 -2.80 2.23
N VAL C 99 3.28 -3.87 2.59
CA VAL C 99 4.66 -4.12 2.14
C VAL C 99 4.61 -4.82 0.79
N VAL C 100 5.55 -4.53 -0.08
CA VAL C 100 5.81 -5.37 -1.30
C VAL C 100 7.15 -6.10 -1.15
N ILE C 101 7.09 -7.42 -1.25
CA ILE C 101 8.27 -8.32 -1.31
C ILE C 101 8.28 -8.95 -2.70
N HIS C 102 9.30 -8.61 -3.48
CA HIS C 102 9.52 -9.06 -4.89
C HIS C 102 10.83 -9.85 -4.94
N GLY C 103 10.75 -11.18 -4.95
CA GLY C 103 11.86 -12.11 -5.27
C GLY C 103 12.99 -12.03 -4.27
N ALA C 104 12.66 -11.86 -3.01
CA ALA C 104 13.63 -11.65 -1.91
C ALA C 104 13.66 -12.88 -1.03
N LYS C 105 14.78 -13.05 -0.33
CA LYS C 105 14.94 -14.02 0.74
C LYS C 105 15.01 -13.29 2.09
N ILE C 106 14.15 -13.68 3.02
CA ILE C 106 14.04 -13.12 4.38
C ILE C 106 14.36 -14.28 5.34
N CYS C 107 15.41 -14.17 6.13
CA CYS C 107 15.83 -15.23 7.08
C CYS C 107 15.01 -15.07 8.37
N ASP C 108 15.18 -16.03 9.29
CA ASP C 108 14.34 -16.18 10.51
C ASP C 108 14.31 -14.89 11.32
N TYR C 109 13.18 -14.58 11.95
CA TYR C 109 13.04 -13.50 12.96
C TYR C 109 13.33 -12.11 12.35
N ALA C 110 13.42 -12.00 11.03
CA ALA C 110 13.49 -10.68 10.39
C ALA C 110 12.10 -10.02 10.48
N LEU C 111 12.09 -8.70 10.52
CA LEU C 111 10.87 -7.85 10.56
C LEU C 111 10.95 -6.84 9.40
N ILE C 112 9.93 -6.84 8.54
CA ILE C 112 9.83 -5.87 7.40
C ILE C 112 8.80 -4.84 7.81
N GLY C 113 9.23 -3.60 7.98
CA GLY C 113 8.41 -2.46 8.46
C GLY C 113 7.30 -2.11 7.47
N MET C 114 6.20 -1.60 7.99
CA MET C 114 5.01 -1.34 7.15
C MET C 114 5.38 -0.34 6.05
N GLY C 115 4.82 -0.55 4.87
CA GLY C 115 5.04 0.33 3.70
C GLY C 115 6.37 0.09 2.99
N ALA C 116 7.23 -0.83 3.43
CA ALA C 116 8.55 -1.08 2.79
C ALA C 116 8.34 -1.84 1.46
N VAL C 117 9.27 -1.61 0.54
CA VAL C 117 9.45 -2.37 -0.73
C VAL C 117 10.80 -3.08 -0.67
N VAL C 118 10.81 -4.39 -0.83
CA VAL C 118 12.05 -5.22 -0.78
C VAL C 118 12.15 -5.90 -2.14
N LEU C 119 13.18 -5.57 -2.91
CA LEU C 119 13.29 -5.98 -4.34
C LEU C 119 14.09 -7.29 -4.52
N ASP C 120 14.18 -7.74 -5.76
CA ASP C 120 14.63 -9.11 -6.14
C ASP C 120 16.11 -9.28 -5.76
N HIS C 121 16.46 -10.49 -5.33
CA HIS C 121 17.85 -10.93 -4.98
C HIS C 121 18.32 -10.22 -3.72
N VAL C 122 17.41 -9.56 -3.00
CA VAL C 122 17.74 -9.04 -1.65
C VAL C 122 17.79 -10.23 -0.70
N VAL C 123 18.71 -10.17 0.24
CA VAL C 123 18.77 -11.16 1.34
C VAL C 123 18.69 -10.37 2.63
N VAL C 124 17.64 -10.61 3.40
CA VAL C 124 17.45 -9.93 4.70
C VAL C 124 17.90 -10.90 5.78
N GLY C 125 19.07 -10.56 6.35
CA GLY C 125 19.73 -11.18 7.50
C GLY C 125 18.78 -11.56 8.61
N GLU C 126 19.14 -12.63 9.29
CA GLU C 126 18.40 -13.12 10.45
C GLU C 126 18.34 -11.96 11.48
N GLY C 127 17.17 -11.77 12.09
CA GLY C 127 16.90 -10.78 13.15
C GLY C 127 17.03 -9.35 12.66
N ALA C 128 17.15 -9.14 11.36
CA ALA C 128 17.27 -7.79 10.78
C ALA C 128 15.91 -7.06 10.79
N ILE C 129 15.98 -5.73 10.71
CA ILE C 129 14.77 -4.86 10.65
C ILE C 129 14.90 -3.92 9.46
N VAL C 130 14.00 -4.05 8.50
CA VAL C 130 13.81 -3.04 7.44
C VAL C 130 12.81 -2.01 7.98
N ALA C 131 13.24 -0.76 8.14
CA ALA C 131 12.39 0.32 8.67
C ALA C 131 11.16 0.54 7.77
N ALA C 132 10.02 0.89 8.37
CA ALA C 132 8.81 1.36 7.65
C ALA C 132 9.18 2.25 6.47
N GLY C 133 8.60 1.99 5.30
CA GLY C 133 8.71 2.90 4.14
C GLY C 133 10.04 2.81 3.44
N SER C 134 10.94 1.92 3.83
CA SER C 134 12.23 1.77 3.11
C SER C 134 12.00 1.21 1.70
N VAL C 135 12.95 1.45 0.80
CA VAL C 135 13.06 0.72 -0.47
C VAL C 135 14.42 0.04 -0.51
N VAL C 136 14.43 -1.29 -0.32
CA VAL C 136 15.68 -2.09 -0.43
C VAL C 136 15.94 -2.47 -1.89
N LEU C 137 17.00 -1.92 -2.47
CA LEU C 137 17.34 -2.20 -3.89
C LEU C 137 17.92 -3.60 -4.10
N THR C 138 17.77 -4.10 -5.33
CA THR C 138 18.28 -5.42 -5.79
C THR C 138 19.71 -5.61 -5.30
N GLY C 139 20.02 -6.86 -4.92
CA GLY C 139 21.29 -7.28 -4.33
C GLY C 139 21.76 -6.28 -3.28
N THR C 140 20.86 -5.97 -2.35
CA THR C 140 21.24 -5.47 -1.01
C THR C 140 21.32 -6.74 -0.14
N GLN C 141 22.44 -6.90 0.56
CA GLN C 141 22.66 -7.98 1.56
C GLN C 141 22.58 -7.28 2.91
N ILE C 142 21.50 -7.51 3.64
CA ILE C 142 21.30 -6.88 4.95
C ILE C 142 21.94 -7.83 5.98
N GLU C 143 22.96 -7.34 6.68
CA GLU C 143 23.61 -8.00 7.86
C GLU C 143 22.53 -8.47 8.83
N PRO C 144 22.70 -9.67 9.41
CA PRO C 144 21.86 -10.08 10.52
C PRO C 144 21.89 -9.04 11.66
N ASN C 145 20.82 -8.96 12.43
CA ASN C 145 20.76 -8.09 13.63
C ASN C 145 21.01 -6.62 13.28
N SER C 146 20.70 -6.20 12.06
CA SER C 146 20.93 -4.79 11.68
C SER C 146 19.61 -4.15 11.24
N ILE C 147 19.52 -2.84 11.46
CA ILE C 147 18.42 -1.98 10.96
C ILE C 147 18.91 -1.30 9.71
N TYR C 148 18.12 -1.44 8.63
CA TYR C 148 18.23 -0.69 7.36
C TYR C 148 17.04 0.29 7.25
N ALA C 149 17.26 1.45 6.65
CA ALA C 149 16.21 2.48 6.47
C ALA C 149 16.52 3.36 5.27
N GLY C 150 15.48 4.01 4.76
CA GLY C 150 15.58 4.96 3.66
C GLY C 150 15.25 4.33 2.33
N ALA C 151 15.45 5.15 1.31
CA ALA C 151 15.12 4.85 -0.10
C ALA C 151 16.22 5.49 -0.95
N PRO C 152 17.31 4.79 -1.34
CA PRO C 152 17.54 3.37 -1.03
C PRO C 152 17.91 3.07 0.42
N ALA C 153 17.47 1.92 0.93
CA ALA C 153 17.75 1.54 2.33
C ALA C 153 19.26 1.42 2.48
N ARG C 154 19.77 1.88 3.63
CA ARG C 154 21.20 1.90 4.06
C ARG C 154 21.28 1.41 5.50
N PHE C 155 22.42 0.87 5.88
CA PHE C 155 22.76 0.37 7.23
C PHE C 155 22.57 1.54 8.21
N ILE C 156 21.75 1.41 9.24
CA ILE C 156 21.59 2.50 10.25
C ILE C 156 22.38 2.08 11.48
N LYS C 157 22.14 0.89 12.05
CA LYS C 157 22.86 0.46 13.27
C LYS C 157 22.62 -1.03 13.52
N LYS C 158 23.46 -1.59 14.39
CA LYS C 158 23.32 -2.96 14.94
C LYS C 158 22.31 -2.93 16.07
N VAL C 159 21.71 -4.07 16.32
CA VAL C 159 20.87 -4.35 17.50
C VAL C 159 21.59 -5.52 18.18
N ASP C 160 21.49 -5.67 19.50
CA ASP C 160 22.05 -6.85 20.19
C ASP C 160 21.27 -8.05 19.69
N PRO C 161 21.95 -9.15 19.28
CA PRO C 161 21.27 -10.41 18.98
C PRO C 161 20.22 -10.86 20.00
N GLU C 162 20.46 -10.61 21.30
CA GLU C 162 19.54 -10.96 22.44
C GLU C 162 18.17 -10.30 22.22
N GLN C 163 18.12 -8.96 22.26
CA GLN C 163 16.87 -8.15 22.18
C GLN C 163 16.22 -8.26 20.78
N SER C 164 16.97 -8.60 19.72
CA SER C 164 16.55 -8.50 18.29
C SER C 164 15.87 -9.78 17.77
N ARG C 165 16.39 -10.98 18.14
CA ARG C 165 15.75 -12.29 17.80
C ARG C 165 14.54 -12.49 18.72
N GLU C 166 14.71 -12.19 20.00
CA GLU C 166 13.64 -12.27 21.03
C GLU C 166 12.53 -11.31 20.62
N MET C 167 12.84 -10.00 20.45
CA MET C 167 11.89 -8.91 20.07
C MET C 167 11.10 -9.31 18.81
N ASN C 168 11.77 -9.74 17.74
CA ASN C 168 11.11 -10.05 16.44
C ASN C 168 10.30 -11.34 16.57
N PHE C 169 10.75 -12.30 17.41
CA PHE C 169 10.02 -13.57 17.73
C PHE C 169 8.72 -13.22 18.48
N ARG C 170 8.73 -12.21 19.33
CA ARG C 170 7.56 -11.84 20.18
C ARG C 170 6.47 -11.19 19.32
N ILE C 171 6.87 -10.43 18.30
CA ILE C 171 5.91 -9.84 17.33
C ILE C 171 5.22 -10.99 16.61
N ALA C 172 6.00 -11.97 16.13
CA ALA C 172 5.49 -13.14 15.37
C ALA C 172 4.65 -14.08 16.27
N HIS C 173 5.04 -14.23 17.54
CA HIS C 173 4.34 -15.10 18.52
C HIS C 173 2.98 -14.48 18.89
N ASN C 174 2.94 -13.20 19.22
CA ASN C 174 1.67 -12.47 19.47
C ASN C 174 0.76 -12.54 18.24
N TYR C 175 1.31 -12.47 17.02
CA TYR C 175 0.50 -12.43 15.80
C TYR C 175 -0.29 -13.74 15.71
N ARG C 176 0.29 -14.85 16.17
CA ARG C 176 -0.39 -16.18 16.19
C ARG C 176 -1.61 -16.11 17.12
N MET C 177 -1.43 -15.45 18.26
CA MET C 177 -2.53 -15.16 19.22
C MET C 177 -3.61 -14.26 18.55
N TYR C 178 -3.24 -13.22 17.80
CA TYR C 178 -4.24 -12.36 17.12
C TYR C 178 -4.98 -13.15 16.04
N ALA C 179 -4.27 -14.03 15.32
CA ALA C 179 -4.85 -14.94 14.29
C ALA C 179 -5.98 -15.80 14.88
N SER C 180 -5.77 -16.38 16.06
CA SER C 180 -6.72 -17.35 16.69
C SER C 180 -8.05 -16.68 17.06
N TRP C 181 -8.07 -15.36 17.29
CA TRP C 181 -9.31 -14.59 17.60
C TRP C 181 -10.26 -14.53 16.39
N PHE C 182 -9.71 -14.68 15.18
CA PHE C 182 -10.49 -14.69 13.91
C PHE C 182 -10.71 -16.15 13.49
N LYS C 183 -9.62 -16.92 13.43
CA LYS C 183 -9.55 -18.33 12.94
C LYS C 183 -10.39 -19.23 13.83
N ASP C 184 -10.30 -19.07 15.15
CA ASP C 184 -10.90 -20.01 16.15
C ASP C 184 -12.13 -19.33 16.74
N GLU C 185 -12.51 -18.15 16.24
CA GLU C 185 -13.64 -17.32 16.74
C GLU C 185 -13.54 -17.14 18.27
N SER C 186 -12.36 -16.80 18.82
CA SER C 186 -12.06 -16.60 20.27
C SER C 186 -12.31 -15.15 20.72
#